data_8OGQ
#
_entry.id   8OGQ
#
_cell.length_a   119.270
_cell.length_b   38.930
_cell.length_c   68.120
_cell.angle_alpha   90.000
_cell.angle_beta   95.370
_cell.angle_gamma   90.000
#
_symmetry.space_group_name_H-M   'C 1 2 1'
#
loop_
_entity.id
_entity.type
_entity.pdbx_description
1 polymer 'Cyclic di-AMP synthase CdaA'
2 non-polymer (1S)-1-(4-nitrophenyl)ethan-1-ol
3 non-polymer 'MAGNESIUM ION'
4 water water
#
_entity_poly.entity_id   1
_entity_poly.type   'polypeptide(L)'
_entity_poly.pdbx_seq_one_letter_code
;GPTPVEEAQQKTIEAITKAINYMAKRRIGALLTIERDTGMGDYIETGIPLNAKVSSELLINIFIPNTPLHDGAVIMKNNE
IAAAACYLPLSESPFISKELGTRHRAAVGISEVTDSLTIIVSEETGGVSVAKNGDLHRELTEEALKEMLEAEFK
;
_entity_poly.pdbx_strand_id   A,B
#
# COMPACT_ATOMS: atom_id res chain seq x y z
N PRO A 2 -3.61 2.00 29.67
CA PRO A 2 -3.76 0.66 29.11
C PRO A 2 -2.38 0.11 28.79
N THR A 3 -2.29 -1.19 28.54
CA THR A 3 -1.00 -1.85 28.24
C THR A 3 -0.59 -1.52 26.80
N PRO A 4 0.70 -1.61 26.44
CA PRO A 4 1.13 -1.42 25.06
C PRO A 4 0.36 -2.34 24.11
N VAL A 5 0.10 -3.59 24.46
CA VAL A 5 -0.64 -4.55 23.62
C VAL A 5 -2.06 -4.06 23.44
N GLU A 6 -2.68 -3.51 24.47
CA GLU A 6 -4.07 -3.03 24.44
C GLU A 6 -4.18 -1.77 23.59
N GLU A 7 -3.24 -0.84 23.76
CA GLU A 7 -3.23 0.40 22.98
C GLU A 7 -3.00 0.08 21.50
N ALA A 8 -2.17 -0.92 21.18
CA ALA A 8 -1.89 -1.30 19.79
C ALA A 8 -3.10 -1.94 19.15
N GLN A 9 -3.85 -2.75 19.92
CA GLN A 9 -5.04 -3.38 19.37
C GLN A 9 -6.11 -2.33 19.05
N GLN A 10 -6.27 -1.34 19.92
CA GLN A 10 -7.28 -0.32 19.67
C GLN A 10 -6.88 0.55 18.48
N LYS A 11 -5.59 0.90 18.35
CA LYS A 11 -5.15 1.66 17.18
C LYS A 11 -5.47 0.95 15.90
N THR A 12 -5.27 -0.37 15.89
CA THR A 12 -5.54 -1.17 14.71
C THR A 12 -7.03 -1.21 14.41
N ILE A 13 -7.86 -1.35 15.45
CA ILE A 13 -9.30 -1.33 15.22
C ILE A 13 -9.73 0.01 14.62
N GLU A 14 -9.23 1.12 15.16
CA GLU A 14 -9.55 2.44 14.56
C GLU A 14 -9.08 2.55 13.14
N ALA A 15 -7.89 2.05 12.82
CA ALA A 15 -7.41 2.10 11.44
C ALA A 15 -8.32 1.31 10.52
N ILE A 16 -8.71 0.10 10.94
CA ILE A 16 -9.61 -0.72 10.12
C ILE A 16 -10.94 -0.02 9.90
N THR A 17 -11.57 0.48 10.98
CA THR A 17 -12.91 1.03 10.84
C THR A 17 -12.90 2.31 10.00
N LYS A 18 -11.87 3.13 10.14
CA LYS A 18 -11.78 4.33 9.29
C LYS A 18 -11.67 3.95 7.83
N ALA A 19 -10.88 2.91 7.52
CA ALA A 19 -10.75 2.48 6.13
C ALA A 19 -12.05 1.89 5.60
N ILE A 20 -12.67 1.00 6.37
N ILE A 20 -12.75 1.09 6.42
CA ILE A 20 -13.93 0.38 5.94
CA ILE A 20 -14.04 0.55 6.00
C ILE A 20 -14.98 1.46 5.68
C ILE A 20 -15.04 1.68 5.77
N ASN A 21 -15.06 2.46 6.56
N ASN A 21 -15.08 2.66 6.67
CA ASN A 21 -16.03 3.54 6.39
CA ASN A 21 -16.03 3.75 6.45
C ASN A 21 -15.72 4.37 5.14
C ASN A 21 -15.85 4.34 5.06
N TYR A 22 -14.44 4.59 4.83
N TYR A 22 -14.63 4.78 4.77
CA TYR A 22 -14.07 5.31 3.62
CA TYR A 22 -14.33 5.43 3.50
C TYR A 22 -14.56 4.55 2.38
C TYR A 22 -14.73 4.54 2.34
N MET A 23 -14.36 3.23 2.37
N MET A 23 -14.39 3.26 2.40
CA MET A 23 -14.71 2.42 1.21
CA MET A 23 -14.69 2.38 1.28
C MET A 23 -16.20 2.14 1.14
C MET A 23 -16.18 2.12 1.15
N ALA A 24 -16.89 2.02 2.29
CA ALA A 24 -18.33 1.86 2.25
C ALA A 24 -19.01 3.07 1.62
N LYS A 25 -18.56 4.27 1.97
CA LYS A 25 -19.16 5.50 1.44
C LYS A 25 -19.01 5.57 -0.08
N ARG A 26 -17.89 5.09 -0.62
CA ARG A 26 -17.60 5.17 -2.04
C ARG A 26 -17.92 3.90 -2.79
N ARG A 27 -18.46 2.89 -2.10
CA ARG A 27 -18.79 1.59 -2.71
C ARG A 27 -17.58 0.97 -3.40
N ILE A 28 -16.47 0.98 -2.68
CA ILE A 28 -15.23 0.32 -3.10
C ILE A 28 -15.25 -1.08 -2.51
N GLY A 29 -15.22 -2.10 -3.37
CA GLY A 29 -15.20 -3.47 -2.88
C GLY A 29 -13.92 -3.76 -2.11
N ALA A 30 -14.06 -4.50 -1.01
CA ALA A 30 -12.91 -4.83 -0.19
C ALA A 30 -13.13 -6.16 0.52
N LEU A 31 -12.01 -6.82 0.82
CA LEU A 31 -12.00 -8.15 1.43
C LEU A 31 -10.79 -8.20 2.34
N LEU A 32 -11.03 -8.26 3.65
CA LEU A 32 -9.97 -8.12 4.65
C LEU A 32 -10.13 -9.23 5.69
N THR A 33 -9.20 -10.18 5.69
CA THR A 33 -9.24 -11.32 6.59
C THR A 33 -8.21 -11.13 7.70
N ILE A 34 -8.64 -11.34 8.94
CA ILE A 34 -7.78 -11.22 10.12
C ILE A 34 -7.51 -12.63 10.63
N GLU A 35 -6.25 -13.07 10.55
CA GLU A 35 -5.89 -14.39 11.04
C GLU A 35 -6.04 -14.44 12.56
N ARG A 36 -6.51 -15.58 13.06
CA ARG A 36 -6.69 -15.78 14.50
C ARG A 36 -5.84 -16.97 14.90
N ASP A 37 -6.42 -18.04 15.47
CA ASP A 37 -5.62 -19.16 15.95
C ASP A 37 -5.26 -20.14 14.85
N THR A 38 -6.12 -20.29 13.84
CA THR A 38 -5.81 -21.15 12.71
C THR A 38 -4.82 -20.42 11.79
N GLY A 39 -3.65 -20.99 11.60
CA GLY A 39 -2.66 -20.36 10.74
C GLY A 39 -3.13 -20.34 9.29
N MET A 40 -2.79 -19.27 8.59
CA MET A 40 -3.27 -19.06 7.22
C MET A 40 -2.11 -18.84 6.25
N GLY A 41 -0.96 -19.41 6.58
CA GLY A 41 0.21 -19.19 5.74
C GLY A 41 0.00 -19.63 4.30
N ASP A 42 -0.69 -20.75 4.10
CA ASP A 42 -0.91 -21.24 2.74
C ASP A 42 -1.64 -20.21 1.89
N TYR A 43 -2.53 -19.43 2.49
CA TYR A 43 -3.26 -18.41 1.75
C TYR A 43 -2.45 -17.12 1.64
N ILE A 44 -1.72 -16.74 2.69
CA ILE A 44 -0.86 -15.57 2.61
C ILE A 44 0.13 -15.71 1.45
N GLU A 45 0.65 -16.92 1.24
CA GLU A 45 1.66 -17.15 0.22
C GLU A 45 1.14 -16.95 -1.19
N THR A 46 -0.17 -16.95 -1.41
CA THR A 46 -0.70 -16.76 -2.75
C THR A 46 -0.73 -15.30 -3.18
N GLY A 47 -0.56 -14.36 -2.24
CA GLY A 47 -0.65 -12.94 -2.55
C GLY A 47 0.70 -12.28 -2.71
N ILE A 48 0.67 -10.95 -2.72
CA ILE A 48 1.88 -10.13 -2.80
C ILE A 48 2.33 -9.84 -1.38
N PRO A 49 3.57 -10.18 -0.99
CA PRO A 49 4.00 -9.91 0.38
C PRO A 49 4.14 -8.43 0.68
N LEU A 50 3.66 -8.02 1.85
CA LEU A 50 3.80 -6.66 2.34
C LEU A 50 4.48 -6.59 3.70
N ASN A 51 4.03 -7.39 4.67
CA ASN A 51 4.42 -7.26 6.07
C ASN A 51 4.55 -5.80 6.48
N ALA A 52 3.48 -5.07 6.26
CA ALA A 52 3.47 -3.63 6.45
C ALA A 52 2.73 -3.27 7.73
N LYS A 53 3.09 -2.14 8.31
CA LYS A 53 2.28 -1.64 9.43
C LYS A 53 0.91 -1.29 8.95
N VAL A 54 -0.06 -1.46 9.87
CA VAL A 54 -1.42 -1.09 9.56
C VAL A 54 -1.58 0.42 9.60
N SER A 55 -2.32 0.95 8.61
CA SER A 55 -2.84 2.30 8.67
C SER A 55 -4.11 2.31 7.84
N SER A 56 -5.02 3.24 8.16
CA SER A 56 -6.21 3.40 7.32
C SER A 56 -5.81 3.79 5.91
N GLU A 57 -4.76 4.62 5.76
CA GLU A 57 -4.34 5.09 4.46
C GLU A 57 -3.87 3.95 3.56
N LEU A 58 -3.03 3.06 4.09
CA LEU A 58 -2.56 1.96 3.27
C LEU A 58 -3.69 1.02 2.91
N LEU A 59 -4.61 0.74 3.86
CA LEU A 59 -5.74 -0.11 3.53
C LEU A 59 -6.56 0.48 2.39
N ILE A 60 -6.82 1.78 2.43
CA ILE A 60 -7.58 2.41 1.35
C ILE A 60 -6.82 2.31 0.03
N ASN A 61 -5.52 2.63 0.04
CA ASN A 61 -4.76 2.61 -1.20
C ASN A 61 -4.72 1.22 -1.82
N ILE A 62 -4.73 0.14 -1.02
CA ILE A 62 -4.65 -1.23 -1.56
C ILE A 62 -5.88 -1.52 -2.40
N PHE A 63 -7.07 -1.12 -1.93
CA PHE A 63 -8.34 -1.53 -2.57
C PHE A 63 -8.89 -0.55 -3.61
N ILE A 64 -8.09 0.43 -4.02
CA ILE A 64 -8.55 1.37 -5.05
C ILE A 64 -8.85 0.54 -6.31
N PRO A 65 -10.02 0.73 -6.96
CA PRO A 65 -10.33 -0.06 -8.12
C PRO A 65 -9.34 0.06 -9.29
N ASN A 66 -9.18 -1.01 -10.07
CA ASN A 66 -8.31 -1.02 -11.27
C ASN A 66 -6.84 -0.84 -10.93
N THR A 67 -6.41 -1.32 -9.76
CA THR A 67 -5.01 -1.21 -9.32
C THR A 67 -4.43 -2.60 -9.18
N PRO A 68 -3.10 -2.76 -9.14
CA PRO A 68 -2.51 -4.10 -8.98
C PRO A 68 -2.99 -4.86 -7.75
N LEU A 69 -3.21 -4.19 -6.62
CA LEU A 69 -3.41 -4.89 -5.35
C LEU A 69 -4.88 -5.07 -4.97
N HIS A 70 -5.83 -4.53 -5.73
CA HIS A 70 -7.23 -4.51 -5.29
C HIS A 70 -7.93 -5.85 -5.45
N ASP A 71 -7.43 -6.75 -6.30
CA ASP A 71 -8.11 -8.00 -6.63
C ASP A 71 -7.63 -9.07 -5.66
N GLY A 72 -8.53 -9.56 -4.81
CA GLY A 72 -8.18 -10.56 -3.82
C GLY A 72 -8.25 -9.99 -2.41
N ALA A 73 -7.83 -10.81 -1.46
CA ALA A 73 -7.96 -10.50 -0.05
C ALA A 73 -6.65 -9.92 0.52
N VAL A 74 -6.79 -8.94 1.39
CA VAL A 74 -5.75 -8.60 2.34
C VAL A 74 -5.86 -9.57 3.52
N ILE A 75 -4.73 -10.09 3.97
CA ILE A 75 -4.68 -10.93 5.17
C ILE A 75 -3.80 -10.24 6.20
N MET A 76 -4.35 -10.00 7.38
CA MET A 76 -3.65 -9.42 8.51
C MET A 76 -3.27 -10.51 9.51
N LYS A 77 -2.11 -10.40 10.07
CA LYS A 77 -1.51 -11.35 11.02
C LYS A 77 -0.56 -10.62 11.91
N ASN A 78 -0.69 -10.89 13.21
CA ASN A 78 0.20 -10.29 14.22
C ASN A 78 0.28 -8.77 14.07
N ASN A 79 -0.86 -8.13 13.86
CA ASN A 79 -0.96 -6.67 13.85
C ASN A 79 -0.24 -6.03 12.67
N GLU A 80 -0.06 -6.79 11.58
CA GLU A 80 0.50 -6.26 10.36
C GLU A 80 -0.35 -6.71 9.19
N ILE A 81 -0.22 -6.01 8.06
CA ILE A 81 -0.76 -6.46 6.78
C ILE A 81 0.26 -7.43 6.19
N ALA A 82 -0.05 -8.72 6.23
CA ALA A 82 0.90 -9.72 5.76
C ALA A 82 1.03 -9.69 4.24
N ALA A 83 -0.10 -9.72 3.54
CA ALA A 83 -0.07 -9.77 2.08
C ALA A 83 -1.39 -9.24 1.54
N ALA A 84 -1.37 -8.86 0.27
CA ALA A 84 -2.55 -8.40 -0.45
C ALA A 84 -2.73 -9.23 -1.71
N ALA A 85 -3.93 -9.12 -2.30
CA ALA A 85 -4.29 -9.87 -3.50
C ALA A 85 -4.19 -11.38 -3.29
N CYS A 86 -4.60 -11.84 -2.12
CA CYS A 86 -4.52 -13.26 -1.79
C CYS A 86 -5.75 -14.02 -2.26
N TYR A 87 -5.54 -15.29 -2.56
CA TYR A 87 -6.62 -16.22 -2.86
C TYR A 87 -7.28 -16.70 -1.57
N LEU A 88 -8.61 -16.79 -1.59
CA LEU A 88 -9.39 -17.43 -0.55
C LEU A 88 -10.33 -18.42 -1.22
N PRO A 89 -10.70 -19.50 -0.52
CA PRO A 89 -11.59 -20.49 -1.13
C PRO A 89 -13.03 -20.02 -1.17
N LEU A 90 -13.70 -20.28 -2.29
CA LEU A 90 -15.10 -19.90 -2.44
C LEU A 90 -16.01 -20.92 -1.76
N SER A 91 -16.89 -20.42 -0.91
CA SER A 91 -17.90 -21.26 -0.27
C SER A 91 -18.86 -21.83 -1.30
N GLU A 92 -19.31 -23.06 -1.05
CA GLU A 92 -20.42 -23.66 -1.77
C GLU A 92 -21.70 -23.67 -0.94
N SER A 93 -21.75 -22.88 0.12
CA SER A 93 -22.92 -22.88 1.00
C SER A 93 -24.15 -22.42 0.25
N PRO A 94 -25.26 -23.17 0.29
CA PRO A 94 -26.49 -22.70 -0.37
C PRO A 94 -27.25 -21.63 0.39
N PHE A 95 -26.72 -21.16 1.53
CA PHE A 95 -27.43 -20.27 2.44
C PHE A 95 -26.84 -18.88 2.49
N ILE A 96 -26.08 -18.50 1.49
CA ILE A 96 -25.62 -17.12 1.30
C ILE A 96 -26.67 -16.41 0.45
N SER A 97 -26.96 -15.17 0.80
CA SER A 97 -27.87 -14.37 0.01
C SER A 97 -27.49 -14.44 -1.46
N LYS A 98 -28.49 -14.71 -2.30
CA LYS A 98 -28.22 -14.97 -3.74
C LYS A 98 -27.79 -13.74 -4.50
N GLU A 99 -28.02 -12.54 -3.97
CA GLU A 99 -27.57 -11.36 -4.70
C GLU A 99 -26.07 -11.11 -4.57
N LEU A 100 -25.39 -11.86 -3.70
CA LEU A 100 -24.00 -11.62 -3.39
C LEU A 100 -23.10 -12.42 -4.33
N GLY A 101 -21.90 -11.90 -4.53
CA GLY A 101 -20.97 -12.49 -5.47
C GLY A 101 -19.71 -13.03 -4.84
N THR A 102 -18.61 -12.96 -5.59
CA THR A 102 -17.46 -13.82 -5.30
C THR A 102 -16.72 -13.34 -4.05
N ARG A 103 -16.70 -12.04 -3.80
CA ARG A 103 -16.03 -11.49 -2.62
C ARG A 103 -16.66 -12.05 -1.35
N HIS A 104 -17.99 -12.10 -1.30
CA HIS A 104 -18.67 -12.61 -0.11
C HIS A 104 -18.55 -14.12 -0.01
N ARG A 105 -18.58 -14.83 -1.13
CA ARG A 105 -18.40 -16.28 -1.08
C ARG A 105 -16.98 -16.65 -0.65
N ALA A 106 -15.99 -15.86 -1.06
CA ALA A 106 -14.62 -16.10 -0.61
C ALA A 106 -14.49 -15.86 0.89
N ALA A 107 -15.13 -14.81 1.41
CA ALA A 107 -15.08 -14.55 2.85
C ALA A 107 -15.71 -15.69 3.63
N VAL A 108 -16.91 -16.11 3.24
CA VAL A 108 -17.56 -17.24 3.91
C VAL A 108 -16.69 -18.48 3.78
N GLY A 109 -16.11 -18.70 2.62
CA GLY A 109 -15.30 -19.90 2.39
C GLY A 109 -14.13 -20.02 3.35
N ILE A 110 -13.35 -18.94 3.50
CA ILE A 110 -12.23 -19.01 4.43
C ILE A 110 -12.75 -19.18 5.87
N SER A 111 -13.89 -18.60 6.18
CA SER A 111 -14.47 -18.71 7.53
C SER A 111 -14.99 -20.11 7.83
N GLU A 112 -15.14 -20.98 6.83
CA GLU A 112 -15.60 -22.34 7.05
C GLU A 112 -14.47 -23.27 7.49
N VAL A 113 -13.22 -22.91 7.21
CA VAL A 113 -12.06 -23.75 7.46
C VAL A 113 -11.04 -23.07 8.36
N THR A 114 -11.38 -21.92 8.93
CA THR A 114 -10.50 -21.23 9.87
C THR A 114 -11.37 -20.54 10.90
N ASP A 115 -10.75 -20.11 11.99
CA ASP A 115 -11.42 -19.25 12.98
C ASP A 115 -11.22 -17.78 12.68
N SER A 116 -10.87 -17.43 11.45
CA SER A 116 -10.57 -16.04 11.13
C SER A 116 -11.85 -15.21 11.07
N LEU A 117 -11.68 -13.90 11.12
CA LEU A 117 -12.76 -12.93 10.92
C LEU A 117 -12.46 -12.15 9.64
N THR A 118 -13.42 -12.14 8.72
CA THR A 118 -13.26 -11.44 7.44
C THR A 118 -14.30 -10.35 7.32
N ILE A 119 -13.85 -9.15 6.91
CA ILE A 119 -14.71 -8.01 6.64
C ILE A 119 -14.83 -7.85 5.13
N ILE A 120 -16.05 -7.60 4.66
CA ILE A 120 -16.32 -7.40 3.23
C ILE A 120 -17.07 -6.09 3.05
N VAL A 121 -16.63 -5.28 2.08
CA VAL A 121 -17.41 -4.14 1.59
C VAL A 121 -17.92 -4.49 0.21
N SER A 122 -19.22 -4.33 0.01
CA SER A 122 -19.83 -4.60 -1.29
C SER A 122 -19.56 -3.47 -2.26
N GLU A 123 -19.10 -3.82 -3.46
CA GLU A 123 -18.95 -2.81 -4.50
C GLU A 123 -20.29 -2.39 -5.12
N GLU A 124 -21.35 -3.17 -4.88
CA GLU A 124 -22.66 -2.81 -5.43
C GLU A 124 -23.38 -1.81 -4.54
N THR A 125 -23.28 -1.98 -3.22
CA THR A 125 -24.07 -1.19 -2.28
C THR A 125 -23.25 -0.43 -1.26
N GLY A 126 -21.98 -0.76 -1.08
CA GLY A 126 -21.24 -0.25 0.04
C GLY A 126 -21.61 -0.87 1.37
N GLY A 127 -22.47 -1.88 1.38
CA GLY A 127 -22.80 -2.55 2.63
C GLY A 127 -21.60 -3.28 3.19
N VAL A 128 -21.53 -3.29 4.52
CA VAL A 128 -20.41 -3.90 5.25
C VAL A 128 -20.93 -5.17 5.90
N SER A 129 -20.16 -6.26 5.78
CA SER A 129 -20.52 -7.54 6.39
C SER A 129 -19.27 -8.22 6.93
N VAL A 130 -19.49 -9.21 7.78
CA VAL A 130 -18.40 -9.96 8.42
C VAL A 130 -18.70 -11.44 8.29
N ALA A 131 -17.70 -12.23 7.91
CA ALA A 131 -17.83 -13.68 7.83
C ALA A 131 -17.05 -14.33 8.97
N LYS A 132 -17.69 -15.29 9.65
CA LYS A 132 -17.09 -16.03 10.76
C LYS A 132 -17.88 -17.32 10.95
N ASN A 133 -17.14 -18.40 11.14
CA ASN A 133 -17.69 -19.74 11.42
C ASN A 133 -18.64 -20.24 10.34
N GLY A 134 -18.49 -19.74 9.12
CA GLY A 134 -19.34 -20.15 8.02
C GLY A 134 -20.59 -19.32 7.82
N ASP A 135 -20.79 -18.29 8.62
CA ASP A 135 -21.96 -17.42 8.51
C ASP A 135 -21.54 -16.02 8.13
N LEU A 136 -22.43 -15.35 7.41
CA LEU A 136 -22.22 -13.97 6.97
C LEU A 136 -23.18 -13.07 7.71
N HIS A 137 -22.65 -12.06 8.38
CA HIS A 137 -23.44 -11.09 9.15
C HIS A 137 -23.48 -9.80 8.36
N ARG A 138 -24.67 -9.46 7.87
CA ARG A 138 -24.81 -8.46 6.85
C ARG A 138 -25.31 -7.14 7.43
N GLU A 139 -25.10 -6.07 6.65
CA GLU A 139 -25.71 -4.77 6.90
C GLU A 139 -25.33 -4.24 8.28
N LEU A 140 -24.02 -4.18 8.51
CA LEU A 140 -23.48 -3.73 9.77
C LEU A 140 -23.29 -2.22 9.78
N THR A 141 -23.58 -1.62 10.93
CA THR A 141 -23.18 -0.25 11.19
C THR A 141 -21.72 -0.25 11.66
N GLU A 142 -21.16 0.96 11.80
N GLU A 142 -21.14 0.95 11.79
CA GLU A 142 -19.80 1.10 12.28
CA GLU A 142 -19.76 1.04 12.27
C GLU A 142 -19.69 0.57 13.70
C GLU A 142 -19.65 0.61 13.73
N GLU A 143 -20.67 0.92 14.54
CA GLU A 143 -20.68 0.43 15.92
C GLU A 143 -20.72 -1.09 15.96
N ALA A 144 -21.51 -1.71 15.08
CA ALA A 144 -21.61 -3.16 15.08
C ALA A 144 -20.30 -3.81 14.68
N LEU A 145 -19.62 -3.26 13.66
CA LEU A 145 -18.33 -3.78 13.28
C LEU A 145 -17.31 -3.63 14.39
N LYS A 146 -17.29 -2.46 15.03
CA LYS A 146 -16.38 -2.24 16.14
C LYS A 146 -16.58 -3.30 17.23
N GLU A 147 -17.84 -3.57 17.57
CA GLU A 147 -18.13 -4.56 18.60
C GLU A 147 -17.62 -5.93 18.21
N MET A 148 -17.78 -6.32 16.95
CA MET A 148 -17.25 -7.61 16.51
C MET A 148 -15.73 -7.65 16.63
N LEU A 149 -15.05 -6.57 16.22
CA LEU A 149 -13.59 -6.55 16.32
C LEU A 149 -13.14 -6.57 17.77
N GLU A 150 -13.83 -5.85 18.66
CA GLU A 150 -13.48 -5.84 20.11
C GLU A 150 -13.75 -7.22 20.70
N ALA A 151 -14.80 -7.91 20.28
CA ALA A 151 -15.17 -9.25 20.78
C ALA A 151 -14.13 -10.25 20.33
N GLU A 152 -13.61 -10.08 19.12
CA GLU A 152 -12.59 -10.98 18.54
C GLU A 152 -11.29 -10.80 19.28
N PRO B 2 26.62 -14.88 -6.89
CA PRO B 2 25.63 -13.87 -6.46
C PRO B 2 25.15 -14.13 -5.04
N THR B 3 25.44 -13.23 -4.13
CA THR B 3 25.04 -13.42 -2.75
C THR B 3 23.56 -13.09 -2.59
N PRO B 4 22.94 -13.53 -1.49
CA PRO B 4 21.55 -13.11 -1.23
C PRO B 4 21.37 -11.59 -1.25
N VAL B 5 22.30 -10.85 -0.66
CA VAL B 5 22.21 -9.39 -0.68
C VAL B 5 22.16 -8.88 -2.12
N GLU B 6 23.01 -9.42 -2.98
CA GLU B 6 23.05 -8.96 -4.37
C GLU B 6 21.78 -9.34 -5.11
N GLU B 7 21.27 -10.55 -4.87
CA GLU B 7 20.02 -10.96 -5.50
C GLU B 7 18.85 -10.10 -5.02
N ALA B 8 18.82 -9.78 -3.72
CA ALA B 8 17.77 -8.91 -3.21
C ALA B 8 17.84 -7.54 -3.83
N GLN B 9 19.05 -7.00 -4.03
CA GLN B 9 19.19 -5.71 -4.68
C GLN B 9 18.63 -5.76 -6.10
N GLN B 10 18.90 -6.85 -6.82
CA GLN B 10 18.39 -6.98 -8.18
C GLN B 10 16.87 -7.04 -8.20
N LYS B 11 16.26 -7.72 -7.24
CA LYS B 11 14.79 -7.80 -7.19
C LYS B 11 14.21 -6.41 -6.93
N THR B 12 14.84 -5.62 -6.07
CA THR B 12 14.34 -4.27 -5.69
C THR B 12 14.45 -3.34 -6.91
N ILE B 13 15.55 -3.43 -7.64
CA ILE B 13 15.72 -2.58 -8.86
C ILE B 13 14.66 -2.99 -9.88
N GLU B 14 14.41 -4.28 -10.05
CA GLU B 14 13.40 -4.78 -11.01
C GLU B 14 12.03 -4.25 -10.58
N ALA B 15 11.72 -4.26 -9.29
CA ALA B 15 10.43 -3.78 -8.76
C ALA B 15 10.30 -2.28 -9.02
N ILE B 16 11.33 -1.52 -8.73
CA ILE B 16 11.31 -0.05 -8.90
C ILE B 16 11.18 0.29 -10.38
N THR B 17 11.93 -0.32 -11.27
CA THR B 17 11.94 0.01 -12.71
C THR B 17 10.59 -0.37 -13.32
N LYS B 18 10.01 -1.49 -12.93
CA LYS B 18 8.69 -1.87 -13.43
C LYS B 18 7.62 -0.87 -13.00
N ALA B 19 7.67 -0.42 -11.75
CA ALA B 19 6.68 0.54 -11.27
C ALA B 19 6.86 1.90 -11.95
N ILE B 20 8.10 2.37 -12.07
CA ILE B 20 8.35 3.66 -12.71
C ILE B 20 7.86 3.62 -14.16
N ASN B 21 8.14 2.53 -14.87
CA ASN B 21 7.74 2.46 -16.28
C ASN B 21 6.23 2.46 -16.41
N TYR B 22 5.52 1.75 -15.53
CA TYR B 22 4.06 1.73 -15.55
C TYR B 22 3.51 3.13 -15.30
N MET B 23 4.10 3.86 -14.35
CA MET B 23 3.59 5.14 -13.97
C MET B 23 3.90 6.20 -15.04
N ALA B 24 5.09 6.11 -15.64
CA ALA B 24 5.44 7.03 -16.74
C ALA B 24 4.46 6.89 -17.89
N LYS B 25 4.16 5.66 -18.30
CA LYS B 25 3.25 5.45 -19.42
C LYS B 25 1.89 6.05 -19.18
N ARG B 26 1.46 6.13 -17.92
CA ARG B 26 0.13 6.58 -17.56
C ARG B 26 0.12 8.00 -17.01
N ARG B 27 1.28 8.68 -17.00
CA ARG B 27 1.38 10.04 -16.48
C ARG B 27 0.95 10.13 -15.02
N ILE B 28 1.33 9.11 -14.25
CA ILE B 28 1.07 9.09 -12.81
C ILE B 28 2.26 9.74 -12.13
N GLY B 29 2.03 10.88 -11.49
CA GLY B 29 3.11 11.56 -10.80
C GLY B 29 3.64 10.72 -9.65
N ALA B 30 4.95 10.75 -9.47
CA ALA B 30 5.57 9.96 -8.42
C ALA B 30 6.87 10.60 -7.97
N LEU B 31 7.22 10.35 -6.71
CA LEU B 31 8.39 10.91 -6.06
C LEU B 31 8.92 9.83 -5.13
N LEU B 32 10.08 9.28 -5.44
CA LEU B 32 10.59 8.08 -4.77
C LEU B 32 12.07 8.31 -4.42
N THR B 33 12.35 8.43 -3.15
CA THR B 33 13.71 8.68 -2.66
C THR B 33 14.28 7.40 -2.07
N ILE B 34 15.47 7.04 -2.50
CA ILE B 34 16.18 5.86 -2.02
C ILE B 34 17.27 6.34 -1.09
N GLU B 35 17.14 6.05 0.20
CA GLU B 35 18.16 6.39 1.17
C GLU B 35 19.45 5.65 0.85
N ARG B 36 20.58 6.34 1.05
CA ARG B 36 21.90 5.75 0.82
C ARG B 36 22.62 5.77 2.16
N ASP B 37 23.77 6.42 2.26
CA ASP B 37 24.55 6.41 3.50
C ASP B 37 24.18 7.53 4.45
N THR B 38 23.62 8.63 3.96
CA THR B 38 23.11 9.67 4.85
C THR B 38 21.71 9.29 5.31
N GLY B 39 21.53 9.15 6.61
CA GLY B 39 20.24 8.69 7.13
C GLY B 39 19.16 9.74 6.95
N MET B 40 17.95 9.27 6.68
CA MET B 40 16.84 10.15 6.37
C MET B 40 15.69 10.01 7.37
N GLY B 41 16.01 9.57 8.58
CA GLY B 41 14.97 9.33 9.56
C GLY B 41 14.08 10.52 9.79
N ASP B 42 14.67 11.73 9.83
CA ASP B 42 13.87 12.92 10.09
C ASP B 42 12.75 13.09 9.06
N TYR B 43 13.01 12.74 7.81
CA TYR B 43 12.01 12.88 6.76
C TYR B 43 11.05 11.70 6.71
N ILE B 44 11.56 10.51 6.97
CA ILE B 44 10.72 9.32 7.07
C ILE B 44 9.62 9.53 8.11
N GLU B 45 9.96 10.16 9.24
CA GLU B 45 9.04 10.31 10.35
C GLU B 45 7.94 11.33 10.08
N THR B 46 8.02 12.08 8.97
CA THR B 46 6.97 13.02 8.61
C THR B 46 5.84 12.37 7.84
N GLY B 47 6.03 11.15 7.35
CA GLY B 47 5.05 10.48 6.52
C GLY B 47 4.25 9.44 7.28
N ILE B 48 3.59 8.57 6.52
CA ILE B 48 2.81 7.47 7.08
C ILE B 48 3.72 6.25 7.13
N PRO B 49 3.93 5.63 8.29
CA PRO B 49 4.83 4.47 8.34
C PRO B 49 4.25 3.27 7.61
N LEU B 50 5.08 2.62 6.79
CA LEU B 50 4.74 1.38 6.12
C LEU B 50 5.68 0.24 6.52
N ASN B 51 6.99 0.45 6.44
CA ASN B 51 7.97 -0.59 6.71
C ASN B 51 7.61 -1.87 5.99
N ALA B 52 7.29 -1.73 4.70
CA ALA B 52 6.76 -2.81 3.88
C ALA B 52 7.80 -3.34 2.93
N LYS B 53 7.68 -4.62 2.59
CA LYS B 53 8.51 -5.20 1.55
C LYS B 53 8.21 -4.52 0.23
N VAL B 54 9.24 -4.36 -0.60
CA VAL B 54 9.08 -3.70 -1.88
C VAL B 54 8.35 -4.63 -2.83
N SER B 55 7.46 -4.05 -3.64
CA SER B 55 6.94 -4.71 -4.82
C SER B 55 6.58 -3.62 -5.80
N SER B 56 6.61 -3.96 -7.10
CA SER B 56 6.12 -3.01 -8.09
C SER B 56 4.64 -2.69 -7.84
N GLU B 57 3.88 -3.68 -7.42
CA GLU B 57 2.44 -3.49 -7.22
C GLU B 57 2.16 -2.48 -6.11
N LEU B 58 2.88 -2.56 -4.99
CA LEU B 58 2.66 -1.61 -3.91
C LEU B 58 3.09 -0.20 -4.31
N LEU B 59 4.23 -0.08 -4.99
CA LEU B 59 4.68 1.25 -5.42
C LEU B 59 3.65 1.92 -6.31
N ILE B 60 3.10 1.17 -7.27
CA ILE B 60 2.05 1.71 -8.14
C ILE B 60 0.84 2.13 -7.31
N ASN B 61 0.36 1.23 -6.44
CA ASN B 61 -0.83 1.52 -5.65
C ASN B 61 -0.65 2.79 -4.82
N ILE B 62 0.56 3.03 -4.33
CA ILE B 62 0.80 4.19 -3.46
C ILE B 62 0.51 5.49 -4.20
N PHE B 63 0.92 5.58 -5.47
CA PHE B 63 0.92 6.85 -6.18
C PHE B 63 -0.35 7.10 -7.00
N ILE B 64 -1.34 6.21 -6.98
CA ILE B 64 -2.57 6.43 -7.74
C ILE B 64 -3.15 7.79 -7.37
N PRO B 65 -3.48 8.64 -8.34
CA PRO B 65 -3.95 9.98 -7.99
C PRO B 65 -5.18 9.98 -7.10
N ASN B 66 -5.28 11.03 -6.27
CA ASN B 66 -6.43 11.29 -5.41
C ASN B 66 -6.63 10.21 -4.35
N THR B 67 -5.54 9.59 -3.90
CA THR B 67 -5.61 8.61 -2.82
C THR B 67 -4.87 9.12 -1.59
N PRO B 68 -5.10 8.51 -0.41
CA PRO B 68 -4.44 9.01 0.80
C PRO B 68 -2.91 9.07 0.73
N LEU B 69 -2.25 8.16 0.03
CA LEU B 69 -0.80 8.07 0.10
C LEU B 69 -0.07 8.77 -1.03
N HIS B 70 -0.77 9.32 -2.02
CA HIS B 70 -0.09 9.70 -3.24
C HIS B 70 0.67 11.04 -3.16
N ASP B 71 0.31 11.91 -2.19
CA ASP B 71 0.86 13.23 -2.22
C ASP B 71 2.08 13.25 -1.20
N GLY B 72 3.25 13.55 -1.68
CA GLY B 72 4.48 13.48 -0.91
C GLY B 72 5.38 12.37 -1.43
N ALA B 73 6.49 12.19 -0.72
CA ALA B 73 7.51 11.26 -1.17
C ALA B 73 7.37 9.88 -0.51
N VAL B 74 7.65 8.85 -1.27
CA VAL B 74 7.97 7.53 -0.73
C VAL B 74 9.46 7.51 -0.46
N ILE B 75 9.85 7.07 0.73
CA ILE B 75 11.25 6.90 1.09
C ILE B 75 11.53 5.43 1.31
N MET B 76 12.49 4.89 0.57
CA MET B 76 12.89 3.50 0.67
C MET B 76 14.19 3.37 1.46
N LYS B 77 14.26 2.35 2.30
CA LYS B 77 15.49 1.97 3.00
C LYS B 77 15.82 0.56 2.53
N ASN B 78 16.90 0.42 1.76
CA ASN B 78 17.35 -0.87 1.27
C ASN B 78 16.18 -1.53 0.55
N ASN B 79 15.68 -2.68 0.99
CA ASN B 79 14.65 -3.41 0.27
C ASN B 79 13.26 -3.17 0.85
N GLU B 80 13.07 -2.08 1.60
CA GLU B 80 11.78 -1.78 2.19
C GLU B 80 11.30 -0.40 1.80
N ILE B 81 9.98 -0.25 1.72
CA ILE B 81 9.32 1.04 1.65
C ILE B 81 9.08 1.48 3.09
N ALA B 82 9.88 2.46 3.53
CA ALA B 82 9.83 2.86 4.94
C ALA B 82 8.58 3.67 5.24
N ALA B 83 8.27 4.65 4.41
CA ALA B 83 7.10 5.49 4.63
C ALA B 83 6.66 6.11 3.32
N ALA B 84 5.43 6.59 3.29
CA ALA B 84 4.87 7.28 2.15
C ALA B 84 4.28 8.61 2.61
N ALA B 85 4.02 9.49 1.63
CA ALA B 85 3.48 10.83 1.90
C ALA B 85 4.43 11.64 2.79
N CYS B 86 5.72 11.53 2.53
CA CYS B 86 6.73 12.18 3.35
C CYS B 86 7.03 13.59 2.82
N TYR B 87 7.43 14.46 3.75
CA TYR B 87 7.91 15.79 3.41
C TYR B 87 9.39 15.71 3.03
N LEU B 88 9.77 16.50 2.02
CA LEU B 88 11.14 16.76 1.64
C LEU B 88 11.29 18.27 1.47
N PRO B 89 12.48 18.81 1.74
CA PRO B 89 12.66 20.27 1.59
C PRO B 89 12.71 20.65 0.12
N LEU B 90 12.25 21.87 -0.18
CA LEU B 90 12.22 22.30 -1.58
C LEU B 90 13.51 23.05 -1.93
N SER B 91 14.13 22.65 -3.04
CA SER B 91 15.32 23.33 -3.52
C SER B 91 14.96 24.69 -4.12
N GLU B 92 15.87 25.63 -3.96
CA GLU B 92 15.81 26.93 -4.63
C GLU B 92 16.85 27.05 -5.74
N SER B 93 17.36 25.92 -6.22
CA SER B 93 18.37 25.95 -7.28
C SER B 93 17.80 26.62 -8.53
N PRO B 94 18.56 27.49 -9.18
CA PRO B 94 18.11 28.07 -10.46
C PRO B 94 18.22 27.11 -11.64
N PHE B 95 18.80 25.92 -11.47
CA PHE B 95 18.97 24.95 -12.53
C PHE B 95 17.83 23.93 -12.59
N ILE B 96 16.70 24.24 -11.95
CA ILE B 96 15.48 23.45 -12.09
C ILE B 96 14.62 24.14 -13.13
N SER B 97 14.31 23.42 -14.21
CA SER B 97 13.48 23.99 -15.27
C SER B 97 12.25 24.66 -14.69
N LYS B 98 11.98 25.89 -15.13
CA LYS B 98 10.96 26.72 -14.49
C LYS B 98 9.57 26.11 -14.60
N GLU B 99 9.32 25.30 -15.64
CA GLU B 99 8.01 24.69 -15.79
C GLU B 99 7.75 23.54 -14.81
N LEU B 100 8.76 23.09 -14.08
CA LEU B 100 8.59 21.93 -13.20
C LEU B 100 7.97 22.32 -11.87
N GLY B 101 7.25 21.37 -11.28
CA GLY B 101 6.48 21.61 -10.07
C GLY B 101 7.17 21.13 -8.82
N THR B 102 6.35 20.92 -7.78
CA THR B 102 6.89 20.71 -6.44
C THR B 102 7.62 19.37 -6.31
N ARG B 103 7.17 18.34 -7.02
CA ARG B 103 7.84 17.04 -6.88
C ARG B 103 9.32 17.14 -7.25
N HIS B 104 9.62 17.85 -8.35
CA HIS B 104 11.00 17.96 -8.78
C HIS B 104 11.82 18.84 -7.85
N ARG B 105 11.21 19.92 -7.34
CA ARG B 105 11.91 20.80 -6.42
C ARG B 105 12.18 20.10 -5.09
N ALA B 106 11.25 19.27 -4.64
CA ALA B 106 11.48 18.47 -3.43
C ALA B 106 12.59 17.45 -3.65
N ALA B 107 12.62 16.82 -4.82
CA ALA B 107 13.64 15.83 -5.11
C ALA B 107 15.04 16.46 -5.10
N VAL B 108 15.21 17.57 -5.82
CA VAL B 108 16.51 18.26 -5.79
C VAL B 108 16.81 18.72 -4.37
N GLY B 109 15.78 19.15 -3.64
CA GLY B 109 16.00 19.64 -2.28
C GLY B 109 16.61 18.59 -1.38
N ILE B 110 16.04 17.38 -1.37
CA ILE B 110 16.61 16.34 -0.53
C ILE B 110 18.00 15.94 -1.03
N SER B 111 18.22 16.01 -2.35
CA SER B 111 19.51 15.63 -2.93
C SER B 111 20.62 16.61 -2.54
N GLU B 112 20.28 17.80 -2.06
CA GLU B 112 21.28 18.79 -1.67
C GLU B 112 21.80 18.57 -0.25
N VAL B 113 21.14 17.73 0.55
CA VAL B 113 21.52 17.55 1.95
C VAL B 113 21.68 16.08 2.30
N THR B 114 21.59 15.21 1.30
CA THR B 114 21.82 13.79 1.49
C THR B 114 22.51 13.25 0.24
N ASP B 115 22.99 12.02 0.31
CA ASP B 115 23.52 11.30 -0.83
C ASP B 115 22.49 10.37 -1.45
N SER B 116 21.20 10.60 -1.18
CA SER B 116 20.16 9.74 -1.69
C SER B 116 19.99 9.92 -3.20
N LEU B 117 19.29 8.97 -3.81
CA LEU B 117 18.88 9.05 -5.21
C LEU B 117 17.37 9.14 -5.24
N THR B 118 16.83 10.15 -5.91
CA THR B 118 15.39 10.35 -6.00
C THR B 118 14.96 10.25 -7.44
N ILE B 119 13.89 9.51 -7.69
CA ILE B 119 13.29 9.35 -9.02
C ILE B 119 11.99 10.12 -9.02
N ILE B 120 11.73 10.86 -10.09
CA ILE B 120 10.50 11.63 -10.26
C ILE B 120 9.85 11.23 -11.58
N VAL B 121 8.53 11.00 -11.54
CA VAL B 121 7.71 10.88 -12.74
C VAL B 121 6.84 12.13 -12.82
N SER B 122 6.86 12.79 -13.98
CA SER B 122 6.06 14.00 -14.17
C SER B 122 4.62 13.63 -14.52
N GLU B 123 3.67 14.20 -13.78
CA GLU B 123 2.27 13.98 -14.12
C GLU B 123 1.86 14.78 -15.35
N GLU B 124 2.70 15.69 -15.82
CA GLU B 124 2.39 16.48 -17.01
C GLU B 124 2.83 15.80 -18.29
N THR B 125 4.04 15.23 -18.30
CA THR B 125 4.60 14.67 -19.52
C THR B 125 4.86 13.17 -19.45
N GLY B 126 4.85 12.56 -18.26
CA GLY B 126 5.32 11.21 -18.10
C GLY B 126 6.82 11.06 -18.11
N GLY B 127 7.57 12.15 -18.23
CA GLY B 127 9.01 12.06 -18.23
C GLY B 127 9.56 11.62 -16.88
N VAL B 128 10.67 10.89 -16.93
CA VAL B 128 11.33 10.33 -15.76
C VAL B 128 12.64 11.07 -15.55
N SER B 129 12.88 11.53 -14.33
CA SER B 129 14.10 12.24 -13.97
C SER B 129 14.66 11.70 -12.66
N VAL B 130 15.93 12.00 -12.40
CA VAL B 130 16.64 11.58 -11.20
C VAL B 130 17.35 12.79 -10.61
N ALA B 131 17.25 12.96 -9.28
CA ALA B 131 17.97 13.98 -8.56
C ALA B 131 19.04 13.31 -7.70
N LYS B 132 20.26 13.84 -7.77
CA LYS B 132 21.39 13.29 -7.02
C LYS B 132 22.41 14.41 -6.89
N ASN B 133 22.85 14.65 -5.64
CA ASN B 133 23.92 15.62 -5.38
C ASN B 133 23.60 17.00 -5.90
N GLY B 134 22.33 17.40 -5.81
CA GLY B 134 21.91 18.72 -6.20
C GLY B 134 21.65 18.91 -7.69
N ASP B 135 21.81 17.87 -8.50
CA ASP B 135 21.61 17.93 -9.93
C ASP B 135 20.38 17.14 -10.33
N LEU B 136 19.61 17.67 -11.29
CA LEU B 136 18.47 16.98 -11.86
C LEU B 136 18.80 16.55 -13.27
N HIS B 137 18.61 15.27 -13.55
CA HIS B 137 18.85 14.66 -14.87
C HIS B 137 17.51 14.22 -15.43
N ARG B 138 17.09 14.84 -16.52
CA ARG B 138 15.73 14.71 -17.03
C ARG B 138 15.64 13.77 -18.24
N GLU B 139 14.39 13.38 -18.54
CA GLU B 139 14.03 12.67 -19.78
C GLU B 139 14.82 11.38 -19.96
N LEU B 140 14.88 10.58 -18.89
CA LEU B 140 15.67 9.37 -18.92
C LEU B 140 14.93 8.24 -19.63
N THR B 141 15.68 7.46 -20.41
CA THR B 141 15.15 6.24 -20.98
C THR B 141 15.05 5.16 -19.91
N GLU B 142 14.29 4.11 -20.21
CA GLU B 142 14.24 2.98 -19.28
C GLU B 142 15.64 2.44 -19.04
N GLU B 143 16.45 2.34 -20.09
CA GLU B 143 17.80 1.80 -19.95
C GLU B 143 18.66 2.68 -19.05
N ALA B 144 18.58 4.00 -19.24
CA ALA B 144 19.39 4.91 -18.43
C ALA B 144 19.02 4.83 -16.96
N LEU B 145 17.72 4.76 -16.66
CA LEU B 145 17.28 4.64 -15.25
C LEU B 145 17.87 3.38 -14.62
N LYS B 146 17.70 2.26 -15.33
CA LYS B 146 18.21 0.94 -14.89
C LYS B 146 19.68 1.14 -14.55
N GLU B 147 20.55 1.46 -15.50
CA GLU B 147 21.93 1.87 -15.19
C GLU B 147 22.17 2.65 -13.97
N MET B 148 21.47 3.76 -13.83
CA MET B 148 21.77 4.67 -12.66
C MET B 148 21.49 3.85 -11.38
N LEU B 149 20.42 3.06 -11.33
CA LEU B 149 20.12 2.30 -10.12
C LEU B 149 21.17 1.23 -9.87
N GLU B 150 21.56 0.48 -10.91
CA GLU B 150 22.58 -0.54 -10.72
C GLU B 150 23.90 0.05 -10.25
N ALA B 151 24.28 1.22 -10.78
CA ALA B 151 25.51 1.87 -10.34
C ALA B 151 25.41 2.32 -8.89
N GLU B 152 24.23 2.76 -8.45
CA GLU B 152 24.00 3.21 -7.06
C GLU B 152 24.05 1.99 -6.14
#